data_4OOL
#
_entry.id   4OOL
#
_cell.length_a   68.280
_cell.length_b   83.540
_cell.length_c   89.250
_cell.angle_alpha   90.00
_cell.angle_beta   90.00
_cell.angle_gamma   90.00
#
_symmetry.space_group_name_H-M   'P 21 21 21'
#
loop_
_entity.id
_entity.type
_entity.pdbx_description
1 polymer 'Cell division protein FtsI [Peptidoglycan synthetase]'
2 non-polymer '(2E)-2-({[(2S)-2-{[(2Z)-2-(2-amino-1,3-thiazol-4-yl)-2-{[(1,5-dihydroxy-4-oxo-1,4-dihydropyridin-2-yl)methoxy]imino}acetyl]amino}-3-oxopropyl]oxy}imino)pentanedioic acid'
3 water water
#
_entity_poly.entity_id   1
_entity_poly.type   'polypeptide(L)'
_entity_poly.pdbx_seq_one_letter_code
;MGHHHHHHARSVRHIAIPAHRGLITDRNGEPLAVSTPVTTLWANPKELMTAKERWPQLAAALGQDTKLFADRIEQNAERE
FIYLVRGLTPEQGEGVIALKVPGVYSIEEFRRFYPAGEVVAHAVGFTDVDDRGREGIELAFDEWLAGVPGKRQVLKDRRG
RVIKDVQVTKNAKPGKTLALSIDLRLQYLAHRELRNALLENGAKAGSLVIMDVKTGEILAMTNQPTYNPNNRRNLQPAAM
RNRAMIDVFEPGSTVKPFSMSAALASGRWKPSDIVDVYPGTLQIGRYTIRDVSRNSRQLDLTGILIKSSNVGISKIAFDI
GAESIYSVMQQVGLGQDTGLGFPGERVGNLPNHRKWPKAETATLAYGYGLSVTAIQLAHAYAALANDGKSVPLSMTRVDR
VPDGVQVISPEVASTVQGMLQQVVEAQGGVFRAQVPGYHAAGKSGTARKVSVGTKGYRENAYRSLFAGFAPATDPRIAMV
VVIDEPSKAGYFGGLVSAPVFSKVMAGALRLMNVPPDNLPTATEQQQVNAAPAKGGRG
;
_entity_poly.pdbx_strand_id   A
#
loop_
_chem_comp.id
_chem_comp.type
_chem_comp.name
_chem_comp.formula
2U2 non-polymer '(2E)-2-({[(2S)-2-{[(2Z)-2-(2-amino-1,3-thiazol-4-yl)-2-{[(1,5-dihydroxy-4-oxo-1,4-dihydropyridin-2-yl)methoxy]imino}acetyl]amino}-3-oxopropyl]oxy}imino)pentanedioic acid' 'C19 H20 N6 O11 S'
#
# COMPACT_ATOMS: atom_id res chain seq x y z
N VAL A 12 32.73 0.34 -28.05
CA VAL A 12 31.99 1.44 -27.42
C VAL A 12 32.65 2.79 -27.76
N ARG A 13 32.06 3.50 -28.76
CA ARG A 13 32.52 4.82 -29.24
C ARG A 13 31.51 5.92 -28.83
N HIS A 14 30.39 5.51 -28.21
CA HIS A 14 29.32 6.36 -27.72
C HIS A 14 28.89 5.93 -26.33
N ILE A 15 28.70 6.90 -25.42
CA ILE A 15 28.26 6.66 -24.05
C ILE A 15 26.96 7.40 -23.70
N ALA A 16 26.09 6.75 -22.88
CA ALA A 16 24.79 7.29 -22.45
C ALA A 16 24.84 7.99 -21.09
N ILE A 17 24.59 9.32 -21.10
CA ILE A 17 24.56 10.21 -19.93
C ILE A 17 23.31 9.86 -19.10
N PRO A 18 23.45 9.32 -17.86
CA PRO A 18 22.25 8.97 -17.08
C PRO A 18 21.27 10.13 -16.90
N ALA A 19 19.99 9.89 -17.24
CA ALA A 19 18.91 10.88 -17.15
C ALA A 19 18.57 11.21 -15.69
N HIS A 20 18.12 12.43 -15.43
CA HIS A 20 17.72 12.89 -14.10
C HIS A 20 16.31 12.36 -13.83
N ARG A 21 16.18 11.39 -12.91
CA ARG A 21 14.92 10.76 -12.55
C ARG A 21 13.95 11.74 -11.87
N GLY A 22 12.73 11.79 -12.41
CA GLY A 22 11.62 12.65 -12.00
C GLY A 22 11.31 12.60 -10.52
N LEU A 23 10.99 13.77 -9.95
CA LEU A 23 10.67 13.93 -8.53
C LEU A 23 9.31 13.30 -8.16
N ILE A 24 9.30 12.54 -7.07
CA ILE A 24 8.08 11.99 -6.49
C ILE A 24 7.77 12.87 -5.27
N THR A 25 6.59 13.46 -5.25
CA THR A 25 6.12 14.28 -4.13
C THR A 25 4.81 13.68 -3.60
N ASP A 26 4.40 14.13 -2.41
CA ASP A 26 3.09 13.75 -1.92
C ASP A 26 2.07 14.68 -2.66
N ARG A 27 0.76 14.59 -2.34
CA ARG A 27 -0.32 15.39 -2.93
C ARG A 27 -0.12 16.91 -2.83
N ASN A 28 0.70 17.38 -1.84
CA ASN A 28 1.02 18.77 -1.51
C ASN A 28 2.40 19.21 -1.96
N GLY A 29 3.10 18.39 -2.73
CA GLY A 29 4.43 18.71 -3.20
C GLY A 29 5.55 18.48 -2.19
N GLU A 30 5.28 17.72 -1.09
CA GLU A 30 6.32 17.39 -0.11
C GLU A 30 7.18 16.31 -0.74
N PRO A 31 8.53 16.49 -0.82
CA PRO A 31 9.36 15.50 -1.53
C PRO A 31 9.39 14.12 -0.90
N LEU A 32 9.34 13.07 -1.75
CA LEU A 32 9.31 11.67 -1.31
C LEU A 32 10.46 10.84 -1.85
N ALA A 33 10.87 11.10 -3.09
CA ALA A 33 11.99 10.44 -3.77
C ALA A 33 12.74 11.51 -4.56
N VAL A 34 13.98 11.81 -4.14
CA VAL A 34 14.78 12.86 -4.78
C VAL A 34 16.05 12.30 -5.41
N SER A 35 16.28 12.61 -6.69
CA SER A 35 17.50 12.24 -7.42
C SER A 35 18.60 13.18 -6.96
N THR A 36 19.57 12.59 -6.29
CA THR A 36 20.70 13.34 -5.76
C THR A 36 21.98 13.05 -6.54
N PRO A 37 22.68 14.12 -7.00
CA PRO A 37 23.93 13.90 -7.76
C PRO A 37 25.02 13.13 -7.01
N VAL A 38 25.52 12.07 -7.66
CA VAL A 38 26.60 11.18 -7.21
C VAL A 38 27.64 11.01 -8.33
N THR A 39 28.86 10.50 -8.01
CA THR A 39 29.92 10.32 -9.01
C THR A 39 30.48 8.91 -9.11
N THR A 40 30.43 8.30 -10.32
CA THR A 40 30.98 6.96 -10.60
C THR A 40 32.42 7.08 -11.15
N LEU A 41 33.35 6.25 -10.67
CA LEU A 41 34.73 6.30 -11.18
C LEU A 41 35.06 5.07 -12.00
N TRP A 42 35.60 5.31 -13.20
CA TRP A 42 35.97 4.25 -14.12
C TRP A 42 37.42 4.39 -14.57
N ALA A 43 37.99 3.31 -15.10
CA ALA A 43 39.37 3.35 -15.52
C ALA A 43 39.69 2.60 -16.80
N ASN A 44 40.71 3.08 -17.52
CA ASN A 44 41.23 2.46 -18.74
C ASN A 44 42.46 1.65 -18.29
N PRO A 45 42.31 0.32 -18.04
CA PRO A 45 43.45 -0.50 -17.56
C PRO A 45 44.74 -0.32 -18.33
N LYS A 46 44.67 -0.12 -19.67
CA LYS A 46 45.84 0.10 -20.52
C LYS A 46 46.63 1.37 -20.09
N GLU A 47 45.92 2.35 -19.49
CA GLU A 47 46.53 3.57 -19.00
C GLU A 47 46.97 3.45 -17.54
N LEU A 48 46.19 2.69 -16.73
CA LEU A 48 46.49 2.43 -15.31
C LEU A 48 47.77 1.60 -15.21
N MET A 49 48.00 0.68 -16.18
CA MET A 49 49.18 -0.20 -16.26
C MET A 49 50.49 0.57 -16.49
N THR A 50 50.40 1.87 -16.84
CA THR A 50 51.56 2.74 -17.09
C THR A 50 51.91 3.58 -15.84
N ALA A 51 51.02 3.52 -14.81
CA ALA A 51 51.14 4.24 -13.53
C ALA A 51 51.03 3.29 -12.29
N LYS A 52 51.69 2.11 -12.33
CA LYS A 52 51.66 1.10 -11.28
C LYS A 52 52.06 1.64 -9.91
N GLU A 53 53.07 2.55 -9.82
CA GLU A 53 53.47 3.17 -8.55
C GLU A 53 52.34 3.95 -7.87
N ARG A 54 51.35 4.43 -8.66
CA ARG A 54 50.19 5.18 -8.20
C ARG A 54 49.07 4.30 -7.61
N TRP A 55 49.08 2.96 -7.90
CA TRP A 55 47.99 2.07 -7.45
C TRP A 55 47.72 2.04 -5.94
N PRO A 56 48.73 1.98 -5.03
CA PRO A 56 48.42 1.99 -3.58
C PRO A 56 47.65 3.23 -3.11
N GLN A 57 48.03 4.45 -3.61
CA GLN A 57 47.33 5.72 -3.34
C GLN A 57 45.88 5.62 -3.80
N LEU A 58 45.67 5.04 -5.00
CA LEU A 58 44.38 4.84 -5.60
C LEU A 58 43.56 3.75 -4.84
N ALA A 59 44.17 2.59 -4.54
CA ALA A 59 43.61 1.47 -3.77
C ALA A 59 42.98 2.01 -2.47
N ALA A 60 43.77 2.77 -1.67
CA ALA A 60 43.35 3.43 -0.43
C ALA A 60 42.19 4.37 -0.66
N ALA A 61 42.30 5.30 -1.62
CA ALA A 61 41.27 6.28 -1.98
C ALA A 61 39.86 5.71 -2.29
N LEU A 62 39.79 4.51 -2.90
CA LEU A 62 38.52 3.84 -3.24
C LEU A 62 38.12 2.82 -2.15
N GLY A 63 38.91 2.74 -1.08
CA GLY A 63 38.71 1.82 0.04
C GLY A 63 39.61 0.60 -0.06
N GLN A 64 39.49 -0.12 -1.19
CA GLN A 64 40.14 -1.39 -1.58
C GLN A 64 41.50 -1.78 -1.03
N ASP A 65 41.72 -3.10 -0.89
CA ASP A 65 43.00 -3.66 -0.42
C ASP A 65 43.96 -3.45 -1.54
N THR A 66 45.19 -3.09 -1.19
CA THR A 66 46.29 -2.78 -2.08
C THR A 66 46.57 -3.91 -3.07
N LYS A 67 46.87 -5.12 -2.58
CA LYS A 67 47.13 -6.28 -3.46
C LYS A 67 45.92 -6.78 -4.25
N LEU A 68 44.70 -6.70 -3.69
CA LEU A 68 43.53 -7.18 -4.42
C LEU A 68 43.20 -6.26 -5.59
N PHE A 69 43.37 -4.94 -5.39
CA PHE A 69 43.14 -3.90 -6.40
C PHE A 69 44.09 -4.07 -7.59
N ALA A 70 45.36 -4.40 -7.30
CA ALA A 70 46.43 -4.64 -8.27
C ALA A 70 46.16 -5.90 -9.11
N ASP A 71 45.68 -6.99 -8.47
CA ASP A 71 45.31 -8.27 -9.09
C ASP A 71 44.20 -8.01 -10.14
N ARG A 72 43.21 -7.19 -9.77
CA ARG A 72 42.07 -6.76 -10.60
C ARG A 72 42.54 -6.02 -11.87
N ILE A 73 43.49 -5.05 -11.72
CA ILE A 73 44.01 -4.27 -12.85
C ILE A 73 44.92 -5.13 -13.75
N GLU A 74 45.67 -6.09 -13.16
CA GLU A 74 46.54 -7.01 -13.89
C GLU A 74 45.75 -8.00 -14.73
N GLN A 75 44.57 -8.43 -14.24
CA GLN A 75 43.66 -9.37 -14.90
C GLN A 75 42.94 -8.68 -16.05
N ASN A 76 42.55 -7.40 -15.86
CA ASN A 76 41.80 -6.61 -16.84
C ASN A 76 42.70 -5.73 -17.72
N ALA A 77 44.03 -5.98 -17.69
CA ALA A 77 45.11 -5.27 -18.40
C ALA A 77 44.91 -5.01 -19.90
N GLU A 78 44.15 -5.88 -20.60
CA GLU A 78 43.87 -5.76 -22.03
C GLU A 78 42.62 -4.91 -22.34
N ARG A 79 41.65 -4.83 -21.38
CA ARG A 79 40.41 -4.06 -21.51
C ARG A 79 40.69 -2.56 -21.60
N GLU A 80 39.70 -1.79 -22.10
CA GLU A 80 39.83 -0.34 -22.26
C GLU A 80 38.89 0.45 -21.35
N PHE A 81 38.06 -0.28 -20.59
CA PHE A 81 37.11 0.26 -19.64
C PHE A 81 36.80 -0.81 -18.58
N ILE A 82 36.64 -0.34 -17.33
CA ILE A 82 36.21 -1.04 -16.12
C ILE A 82 35.71 0.03 -15.17
N TYR A 83 34.80 -0.35 -14.26
CA TYR A 83 34.31 0.55 -13.22
C TYR A 83 35.24 0.33 -12.04
N LEU A 84 35.62 1.42 -11.34
CA LEU A 84 36.45 1.31 -10.14
C LEU A 84 35.47 1.23 -8.97
N VAL A 85 34.64 2.28 -8.82
CA VAL A 85 33.64 2.37 -7.78
C VAL A 85 32.46 3.23 -8.25
N ARG A 86 31.24 2.66 -8.15
CA ARG A 86 30.02 3.36 -8.58
C ARG A 86 29.40 4.21 -7.47
N GLY A 87 28.75 5.28 -7.91
CA GLY A 87 28.03 6.26 -7.08
C GLY A 87 28.63 6.64 -5.74
N LEU A 88 29.71 7.44 -5.76
CA LEU A 88 30.32 7.97 -4.55
C LEU A 88 29.71 9.35 -4.36
N THR A 89 30.06 10.03 -3.25
CA THR A 89 29.62 11.40 -3.00
C THR A 89 30.43 12.25 -4.00
N PRO A 90 29.88 13.33 -4.59
CA PRO A 90 30.67 14.13 -5.55
C PRO A 90 32.08 14.52 -5.08
N GLU A 91 32.23 14.92 -3.77
CA GLU A 91 33.49 15.31 -3.09
C GLU A 91 34.47 14.14 -2.98
N GLN A 92 33.95 12.91 -2.77
CA GLN A 92 34.75 11.69 -2.69
C GLN A 92 35.32 11.41 -4.08
N GLY A 93 34.48 11.60 -5.11
CA GLY A 93 34.82 11.46 -6.52
C GLY A 93 35.93 12.43 -6.86
N GLU A 94 35.75 13.71 -6.42
CA GLU A 94 36.69 14.83 -6.55
C GLU A 94 38.05 14.50 -5.93
N GLY A 95 38.04 13.87 -4.75
CA GLY A 95 39.21 13.46 -4.00
C GLY A 95 40.07 12.43 -4.70
N VAL A 96 39.43 11.55 -5.51
CA VAL A 96 40.12 10.51 -6.28
C VAL A 96 40.67 11.11 -7.59
N ILE A 97 39.90 12.03 -8.22
CA ILE A 97 40.28 12.74 -9.44
C ILE A 97 41.48 13.64 -9.15
N ALA A 98 41.54 14.22 -7.94
CA ALA A 98 42.63 15.09 -7.48
C ALA A 98 43.98 14.34 -7.29
N LEU A 99 43.96 12.98 -7.26
CA LEU A 99 45.20 12.19 -7.11
C LEU A 99 46.03 12.30 -8.41
N LYS A 100 45.34 12.56 -9.55
CA LYS A 100 45.89 12.74 -10.89
C LYS A 100 46.47 11.40 -11.40
N VAL A 101 45.70 10.31 -11.24
CA VAL A 101 46.11 8.97 -11.69
C VAL A 101 45.76 8.73 -13.16
N PRO A 102 46.79 8.49 -14.01
CA PRO A 102 46.53 8.25 -15.43
C PRO A 102 45.61 7.05 -15.66
N GLY A 103 44.57 7.30 -16.45
CA GLY A 103 43.57 6.29 -16.79
C GLY A 103 42.30 6.29 -15.95
N VAL A 104 42.22 7.20 -14.94
CA VAL A 104 41.07 7.33 -14.03
C VAL A 104 40.14 8.44 -14.52
N TYR A 105 38.88 8.12 -14.77
CA TYR A 105 37.88 9.08 -15.23
C TYR A 105 36.59 8.98 -14.44
N SER A 106 35.89 10.12 -14.28
CA SER A 106 34.61 10.20 -13.56
C SER A 106 33.39 10.27 -14.48
N ILE A 107 32.21 9.95 -13.93
CA ILE A 107 30.91 10.00 -14.58
C ILE A 107 29.94 10.61 -13.57
N GLU A 108 29.14 11.59 -14.04
CA GLU A 108 28.08 12.24 -13.27
C GLU A 108 26.93 11.24 -13.23
N GLU A 109 26.49 10.86 -12.04
CA GLU A 109 25.41 9.88 -11.89
C GLU A 109 24.36 10.33 -10.86
N PHE A 110 23.21 9.61 -10.83
CA PHE A 110 22.11 9.90 -9.92
C PHE A 110 21.77 8.72 -9.04
N ARG A 111 21.47 9.04 -7.78
CA ARG A 111 21.09 8.09 -6.73
C ARG A 111 19.84 8.69 -6.05
N ARG A 112 18.97 7.82 -5.53
CA ARG A 112 17.76 8.31 -4.88
C ARG A 112 17.91 8.52 -3.41
N PHE A 113 17.34 9.64 -2.94
CA PHE A 113 17.23 9.93 -1.52
C PHE A 113 15.74 9.99 -1.19
N TYR A 114 15.34 9.32 -0.11
CA TYR A 114 13.96 9.22 0.35
C TYR A 114 13.81 10.04 1.64
N PRO A 115 13.39 11.32 1.55
CA PRO A 115 13.29 12.18 2.75
C PRO A 115 12.40 11.66 3.89
N ALA A 116 11.19 11.17 3.57
CA ALA A 116 10.30 10.67 4.61
C ALA A 116 10.72 9.25 5.07
N GLY A 117 11.67 8.62 4.36
CA GLY A 117 12.21 7.30 4.68
C GLY A 117 11.17 6.22 4.91
N GLU A 118 11.32 5.48 6.03
CA GLU A 118 10.45 4.39 6.46
C GLU A 118 8.93 4.69 6.53
N VAL A 119 8.54 5.97 6.72
CA VAL A 119 7.16 6.44 6.80
C VAL A 119 6.34 6.08 5.54
N VAL A 120 6.94 6.17 4.35
CA VAL A 120 6.31 5.88 3.05
C VAL A 120 7.11 4.88 2.20
N ALA A 121 7.90 4.02 2.83
CA ALA A 121 8.74 3.08 2.10
C ALA A 121 7.98 2.19 1.14
N HIS A 122 6.96 1.47 1.65
CA HIS A 122 6.15 0.56 0.85
C HIS A 122 5.45 1.18 -0.34
N ALA A 123 4.87 2.38 -0.16
CA ALA A 123 4.17 3.12 -1.22
C ALA A 123 5.09 3.66 -2.31
N VAL A 124 6.06 4.52 -1.94
CA VAL A 124 7.05 5.11 -2.87
C VAL A 124 7.97 4.01 -3.52
N GLY A 125 8.32 2.99 -2.76
CA GLY A 125 9.22 1.93 -3.22
C GLY A 125 10.67 2.41 -3.23
N PHE A 126 11.50 1.80 -4.12
CA PHE A 126 12.91 2.13 -4.30
C PHE A 126 13.44 1.75 -5.70
N THR A 127 14.55 2.39 -6.09
CA THR A 127 15.30 2.17 -7.33
C THR A 127 16.52 1.30 -7.04
N ASP A 128 17.00 0.55 -8.05
CA ASP A 128 18.21 -0.30 -7.94
C ASP A 128 19.52 0.49 -8.08
N VAL A 129 20.64 -0.23 -8.26
CA VAL A 129 22.00 0.28 -8.47
C VAL A 129 22.07 1.22 -9.70
N ASP A 130 21.31 0.85 -10.74
CA ASP A 130 21.23 1.51 -12.06
C ASP A 130 20.22 2.68 -12.14
N ASP A 131 19.59 3.07 -10.99
CA ASP A 131 18.57 4.11 -10.84
C ASP A 131 17.27 3.77 -11.60
N ARG A 132 16.92 2.49 -11.60
CA ARG A 132 15.72 1.97 -12.25
C ARG A 132 14.79 1.50 -11.16
N GLY A 133 13.50 1.79 -11.33
CA GLY A 133 12.47 1.44 -10.36
C GLY A 133 12.40 -0.05 -10.15
N ARG A 134 12.37 -0.45 -8.88
CA ARG A 134 12.36 -1.85 -8.47
C ARG A 134 11.17 -2.24 -7.64
N GLU A 135 10.65 -1.30 -6.85
CA GLU A 135 9.54 -1.54 -5.93
C GLU A 135 8.64 -0.32 -5.91
N GLY A 136 7.39 -0.54 -5.50
CA GLY A 136 6.35 0.47 -5.36
C GLY A 136 6.13 1.37 -6.56
N ILE A 137 5.86 2.64 -6.27
CA ILE A 137 5.62 3.69 -7.26
C ILE A 137 6.82 3.88 -8.18
N GLU A 138 8.05 3.70 -7.64
CA GLU A 138 9.29 3.78 -8.41
C GLU A 138 9.25 2.86 -9.62
N LEU A 139 8.75 1.63 -9.44
CA LEU A 139 8.58 0.65 -10.50
C LEU A 139 7.32 0.92 -11.30
N ALA A 140 6.12 0.96 -10.66
CA ALA A 140 4.83 1.18 -11.35
C ALA A 140 4.84 2.39 -12.34
N PHE A 141 5.59 3.45 -11.97
CA PHE A 141 5.70 4.67 -12.78
C PHE A 141 7.07 4.89 -13.36
N ASP A 142 7.88 3.82 -13.49
CA ASP A 142 9.27 3.89 -13.99
C ASP A 142 9.44 4.60 -15.31
N GLU A 143 8.57 4.35 -16.28
CA GLU A 143 8.68 4.99 -17.60
C GLU A 143 8.51 6.51 -17.51
N TRP A 144 7.52 6.97 -16.73
CA TRP A 144 7.23 8.38 -16.49
C TRP A 144 8.36 9.06 -15.73
N LEU A 145 8.89 8.36 -14.71
CA LEU A 145 9.95 8.86 -13.82
C LEU A 145 11.37 8.86 -14.44
N ALA A 146 11.76 7.77 -15.12
CA ALA A 146 13.12 7.61 -15.67
C ALA A 146 13.57 8.57 -16.75
N GLY A 147 12.68 8.89 -17.68
CA GLY A 147 13.02 9.72 -18.82
C GLY A 147 13.82 8.90 -19.82
N VAL A 148 14.91 9.50 -20.39
CA VAL A 148 15.75 8.81 -21.37
C VAL A 148 17.21 9.31 -21.37
N PRO A 149 18.21 8.40 -21.25
CA PRO A 149 19.62 8.84 -21.29
C PRO A 149 20.03 9.46 -22.63
N GLY A 150 21.08 10.28 -22.61
CA GLY A 150 21.59 10.98 -23.79
C GLY A 150 22.95 10.49 -24.27
N LYS A 151 23.13 10.41 -25.61
CA LYS A 151 24.37 9.92 -26.22
C LYS A 151 25.37 11.01 -26.63
N ARG A 152 26.60 10.93 -26.08
CA ARG A 152 27.69 11.85 -26.42
C ARG A 152 28.84 11.11 -27.12
N GLN A 153 29.25 11.60 -28.31
CA GLN A 153 30.34 11.02 -29.11
C GLN A 153 31.70 11.33 -28.49
N VAL A 154 32.53 10.28 -28.31
CA VAL A 154 33.88 10.40 -27.75
C VAL A 154 34.97 10.04 -28.79
N LEU A 155 36.20 10.55 -28.57
CA LEU A 155 37.34 10.29 -29.47
C LEU A 155 38.49 9.58 -28.74
N LYS A 156 38.52 8.24 -28.86
CA LYS A 156 39.54 7.38 -28.27
C LYS A 156 40.54 7.00 -29.37
N ASP A 157 41.81 7.46 -29.24
CA ASP A 157 42.91 7.25 -30.20
C ASP A 157 43.00 5.83 -30.73
N ARG A 158 43.07 4.84 -29.80
CA ARG A 158 43.12 3.38 -29.96
C ARG A 158 43.18 2.71 -28.58
N ARG A 159 44.00 3.27 -27.65
CA ARG A 159 44.19 2.75 -26.29
C ARG A 159 43.05 3.05 -25.29
N GLY A 160 42.10 3.89 -25.70
CA GLY A 160 40.94 4.27 -24.89
C GLY A 160 40.98 5.66 -24.30
N ARG A 161 42.11 6.39 -24.49
CA ARG A 161 42.33 7.75 -24.01
C ARG A 161 41.37 8.71 -24.71
N VAL A 162 40.53 9.41 -23.93
CA VAL A 162 39.55 10.36 -24.44
C VAL A 162 40.27 11.66 -24.86
N ILE A 163 40.24 11.97 -26.17
CA ILE A 163 40.89 13.16 -26.73
C ILE A 163 39.91 14.35 -26.76
N LYS A 164 38.71 14.13 -27.34
CA LYS A 164 37.68 15.17 -27.47
C LYS A 164 36.24 14.65 -27.61
N ASP A 165 35.27 15.45 -27.11
CA ASP A 165 33.85 15.16 -27.22
C ASP A 165 33.40 15.79 -28.56
N VAL A 166 33.31 14.93 -29.61
CA VAL A 166 33.00 15.30 -31.00
C VAL A 166 31.61 15.92 -31.19
N GLN A 167 30.54 15.16 -30.89
CA GLN A 167 29.16 15.62 -31.06
C GLN A 167 28.15 15.14 -30.01
N VAL A 168 27.53 16.11 -29.29
CA VAL A 168 26.51 15.86 -28.28
C VAL A 168 25.15 15.85 -29.01
N THR A 169 24.89 14.74 -29.72
CA THR A 169 23.70 14.50 -30.55
C THR A 169 22.37 14.54 -29.76
N LYS A 170 22.09 13.49 -28.97
CA LYS A 170 20.90 13.38 -28.14
C LYS A 170 21.21 13.78 -26.70
N ASN A 171 20.38 14.66 -26.13
CA ASN A 171 20.49 15.14 -24.75
C ASN A 171 19.69 14.23 -23.81
N ALA A 172 20.23 14.02 -22.58
CA ALA A 172 19.59 13.19 -21.55
C ALA A 172 18.30 13.86 -21.06
N LYS A 173 17.15 13.46 -21.65
CA LYS A 173 15.83 14.00 -21.31
C LYS A 173 15.43 13.61 -19.88
N PRO A 174 15.26 14.61 -18.98
CA PRO A 174 14.93 14.27 -17.58
C PRO A 174 13.56 13.63 -17.44
N GLY A 175 13.41 12.81 -16.39
CA GLY A 175 12.16 12.16 -16.04
C GLY A 175 11.15 13.17 -15.53
N LYS A 176 9.86 12.82 -15.60
CA LYS A 176 8.80 13.72 -15.20
C LYS A 176 8.42 13.59 -13.72
N THR A 177 8.03 14.72 -13.11
CA THR A 177 7.55 14.84 -11.73
C THR A 177 6.27 14.03 -11.58
N LEU A 178 6.06 13.45 -10.40
CA LEU A 178 4.85 12.70 -10.10
C LEU A 178 4.35 13.03 -8.72
N ALA A 179 3.14 13.60 -8.62
CA ALA A 179 2.47 13.90 -7.36
C ALA A 179 1.58 12.72 -6.99
N LEU A 180 1.82 12.14 -5.81
CA LEU A 180 1.05 11.02 -5.26
C LEU A 180 -0.26 11.49 -4.61
N SER A 181 -1.20 10.59 -4.41
CA SER A 181 -2.48 10.89 -3.75
C SER A 181 -2.25 11.01 -2.21
N ILE A 182 -1.13 10.42 -1.73
CA ILE A 182 -0.71 10.34 -0.34
C ILE A 182 -0.57 11.72 0.26
N ASP A 183 -1.17 11.92 1.42
CA ASP A 183 -0.99 13.16 2.15
C ASP A 183 0.04 12.75 3.21
N LEU A 184 1.23 13.34 3.16
CA LEU A 184 2.33 13.01 4.08
C LEU A 184 1.98 13.23 5.56
N ARG A 185 1.17 14.24 5.85
CA ARG A 185 0.71 14.51 7.20
C ARG A 185 -0.16 13.35 7.71
N LEU A 186 -1.10 12.84 6.87
CA LEU A 186 -1.96 11.71 7.20
C LEU A 186 -1.15 10.42 7.27
N GLN A 187 -0.19 10.24 6.34
CA GLN A 187 0.71 9.10 6.29
C GLN A 187 1.51 9.00 7.61
N TYR A 188 2.14 10.12 8.07
CA TYR A 188 2.88 10.21 9.34
C TYR A 188 1.99 9.78 10.53
N LEU A 189 0.75 10.29 10.55
CA LEU A 189 -0.22 10.00 11.61
C LEU A 189 -0.59 8.54 11.60
N ALA A 190 -0.85 7.97 10.39
CA ALA A 190 -1.23 6.57 10.23
C ALA A 190 -0.09 5.64 10.65
N HIS A 191 1.16 5.95 10.22
CA HIS A 191 2.38 5.19 10.52
C HIS A 191 2.66 5.13 12.03
N ARG A 192 2.57 6.28 12.72
CA ARG A 192 2.83 6.36 14.17
C ARG A 192 1.80 5.58 14.97
N GLU A 193 0.51 5.76 14.62
CA GLU A 193 -0.57 5.07 15.32
C GLU A 193 -0.59 3.55 15.12
N LEU A 194 -0.25 3.07 13.91
CA LEU A 194 -0.18 1.64 13.62
C LEU A 194 0.99 1.02 14.35
N ARG A 195 2.16 1.69 14.33
CA ARG A 195 3.38 1.27 15.03
C ARG A 195 3.07 1.10 16.51
N ASN A 196 2.41 2.09 17.12
CA ASN A 196 2.04 2.12 18.53
C ASN A 196 1.06 1.01 18.91
N ALA A 197 0.14 0.69 18.01
CA ALA A 197 -0.87 -0.35 18.20
C ALA A 197 -0.22 -1.73 18.21
N LEU A 198 0.77 -1.92 17.31
CA LEU A 198 1.54 -3.15 17.20
C LEU A 198 2.34 -3.43 18.46
N LEU A 199 2.94 -2.36 19.04
CA LEU A 199 3.72 -2.45 20.28
C LEU A 199 2.82 -2.87 21.44
N GLU A 200 1.71 -2.14 21.63
CA GLU A 200 0.71 -2.33 22.67
C GLU A 200 -0.02 -3.70 22.60
N ASN A 201 -0.20 -4.25 21.39
CA ASN A 201 -0.90 -5.53 21.23
C ASN A 201 0.00 -6.74 21.04
N GLY A 202 1.31 -6.49 20.92
CA GLY A 202 2.31 -7.53 20.72
C GLY A 202 2.10 -8.21 19.38
N ALA A 203 1.67 -7.42 18.38
CA ALA A 203 1.34 -7.91 17.06
C ALA A 203 2.52 -8.19 16.17
N LYS A 204 2.35 -9.19 15.29
CA LYS A 204 3.33 -9.61 14.30
C LYS A 204 3.47 -8.48 13.25
N ALA A 205 2.39 -8.22 12.49
CA ALA A 205 2.34 -7.21 11.44
C ALA A 205 1.09 -6.36 11.52
N GLY A 206 0.94 -5.46 10.55
CA GLY A 206 -0.20 -4.58 10.48
C GLY A 206 -0.25 -3.76 9.21
N SER A 207 -1.46 -3.31 8.85
CA SER A 207 -1.73 -2.47 7.68
C SER A 207 -2.79 -1.43 7.99
N LEU A 208 -2.63 -0.22 7.43
CA LEU A 208 -3.61 0.82 7.56
C LEU A 208 -3.74 1.56 6.21
N VAL A 209 -5.01 1.65 5.69
CA VAL A 209 -5.33 2.31 4.43
C VAL A 209 -6.37 3.38 4.72
N ILE A 210 -6.15 4.60 4.18
CA ILE A 210 -7.04 5.78 4.21
C ILE A 210 -7.33 6.15 2.75
N MET A 211 -8.64 6.28 2.45
CA MET A 211 -9.14 6.64 1.13
C MET A 211 -9.95 7.90 1.23
N ASP A 212 -9.93 8.68 0.15
CA ASP A 212 -10.85 9.79 -0.04
C ASP A 212 -12.03 9.10 -0.78
N VAL A 213 -13.23 9.09 -0.16
CA VAL A 213 -14.42 8.42 -0.74
C VAL A 213 -14.94 9.02 -2.02
N LYS A 214 -14.73 10.33 -2.20
CA LYS A 214 -15.21 11.07 -3.36
C LYS A 214 -14.30 11.00 -4.59
N THR A 215 -12.97 10.81 -4.39
CA THR A 215 -11.98 10.83 -5.47
C THR A 215 -11.28 9.50 -5.84
N GLY A 216 -11.41 8.47 -5.00
CA GLY A 216 -10.70 7.21 -5.19
C GLY A 216 -9.24 7.24 -4.77
N GLU A 217 -8.77 8.37 -4.21
CA GLU A 217 -7.41 8.59 -3.77
C GLU A 217 -7.02 7.83 -2.53
N ILE A 218 -5.82 7.22 -2.58
CA ILE A 218 -5.27 6.55 -1.42
C ILE A 218 -4.56 7.66 -0.65
N LEU A 219 -5.12 8.09 0.48
CA LEU A 219 -4.51 9.18 1.22
C LEU A 219 -3.38 8.77 2.15
N ALA A 220 -3.36 7.49 2.51
CA ALA A 220 -2.37 6.87 3.36
C ALA A 220 -2.43 5.40 3.15
N MET A 221 -1.25 4.77 3.20
CA MET A 221 -1.04 3.35 3.06
C MET A 221 0.20 2.99 3.86
N THR A 222 -0.01 2.51 5.10
CA THR A 222 1.10 2.15 5.97
C THR A 222 1.11 0.67 6.37
N ASN A 223 2.30 0.07 6.46
CA ASN A 223 2.50 -1.31 6.90
C ASN A 223 3.58 -1.34 7.96
N GLN A 224 3.40 -2.23 8.93
CA GLN A 224 4.36 -2.52 9.99
C GLN A 224 4.63 -4.03 9.89
N PRO A 225 5.90 -4.47 9.88
CA PRO A 225 7.10 -3.65 9.99
C PRO A 225 7.47 -2.94 8.67
N THR A 226 8.16 -1.80 8.80
CA THR A 226 8.68 -0.99 7.69
C THR A 226 10.22 -0.98 7.71
N TYR A 227 10.82 -0.47 6.64
CA TYR A 227 12.26 -0.40 6.46
C TYR A 227 12.68 0.98 6.06
N ASN A 228 13.93 1.35 6.37
CA ASN A 228 14.49 2.61 5.92
C ASN A 228 15.01 2.33 4.50
N PRO A 229 14.38 2.93 3.46
CA PRO A 229 14.81 2.66 2.07
C PRO A 229 16.20 3.19 1.74
N ASN A 230 16.66 4.20 2.50
CA ASN A 230 17.97 4.84 2.34
C ASN A 230 19.14 3.94 2.81
N ASN A 231 18.88 3.04 3.76
CA ASN A 231 19.84 2.08 4.29
C ASN A 231 19.25 0.68 4.10
N ARG A 232 19.21 0.27 2.82
CA ARG A 232 18.63 -1.00 2.37
C ARG A 232 19.46 -2.24 2.71
N ARG A 233 20.73 -2.08 3.14
CA ARG A 233 21.57 -3.23 3.45
C ARG A 233 21.13 -4.02 4.67
N ASN A 234 21.31 -5.36 4.59
CA ASN A 234 20.94 -6.39 5.58
C ASN A 234 19.49 -6.87 5.49
N LEU A 235 18.56 -5.98 5.07
CA LEU A 235 17.11 -6.16 4.96
C LEU A 235 16.51 -7.50 4.58
N GLN A 236 15.54 -7.94 5.40
CA GLN A 236 14.75 -9.15 5.23
C GLN A 236 13.40 -8.78 4.57
N PRO A 237 12.93 -9.55 3.56
CA PRO A 237 11.67 -9.20 2.88
C PRO A 237 10.40 -9.11 3.73
N ALA A 238 10.47 -9.51 5.01
CA ALA A 238 9.34 -9.42 5.95
C ALA A 238 8.96 -7.96 6.22
N ALA A 239 9.96 -7.05 6.27
CA ALA A 239 9.78 -5.62 6.50
C ALA A 239 9.55 -4.87 5.20
N MET A 240 9.83 -5.53 4.05
CA MET A 240 9.69 -4.94 2.71
C MET A 240 8.37 -5.22 2.06
N ARG A 241 7.61 -6.19 2.60
CA ARG A 241 6.30 -6.57 2.06
C ARG A 241 5.29 -5.42 2.13
N ASN A 242 4.73 -5.04 0.98
CA ASN A 242 3.69 -4.02 0.94
C ASN A 242 2.36 -4.78 1.21
N ARG A 243 2.14 -5.13 2.50
CA ARG A 243 1.06 -5.99 3.03
C ARG A 243 -0.35 -5.60 2.62
N ALA A 244 -0.66 -4.29 2.66
CA ALA A 244 -1.93 -3.71 2.27
C ALA A 244 -2.32 -4.11 0.84
N MET A 245 -1.33 -4.37 -0.02
CA MET A 245 -1.58 -4.76 -1.41
C MET A 245 -1.23 -6.22 -1.75
N ILE A 246 -0.45 -6.88 -0.90
CA ILE A 246 0.04 -8.25 -1.15
C ILE A 246 -0.63 -9.26 -0.26
N ASP A 247 -0.72 -9.00 1.06
CA ASP A 247 -1.32 -9.93 2.02
C ASP A 247 -2.79 -10.12 1.73
N VAL A 248 -3.20 -11.38 1.53
CA VAL A 248 -4.60 -11.72 1.27
C VAL A 248 -5.13 -12.39 2.51
N PHE A 249 -6.37 -12.06 2.89
CA PHE A 249 -6.95 -12.65 4.09
C PHE A 249 -8.46 -12.80 3.92
N GLU A 250 -9.07 -13.61 4.80
CA GLU A 250 -10.52 -13.78 4.81
C GLU A 250 -11.07 -12.56 5.56
N PRO A 251 -11.93 -11.76 4.89
CA PRO A 251 -12.38 -10.49 5.51
C PRO A 251 -13.40 -10.65 6.63
N GLY A 252 -13.91 -11.87 6.82
CA GLY A 252 -14.84 -12.20 7.89
C GLY A 252 -16.05 -11.30 7.94
N SER A 253 -16.38 -10.80 9.15
CA SER A 253 -17.56 -9.97 9.40
C SER A 253 -17.56 -8.58 8.77
N THR A 254 -16.38 -8.11 8.27
CA THR A 254 -16.24 -6.80 7.61
C THR A 254 -16.98 -6.76 6.26
N VAL A 255 -17.37 -7.93 5.69
CA VAL A 255 -18.11 -7.99 4.42
C VAL A 255 -19.65 -8.10 4.64
N LYS A 256 -20.10 -8.32 5.90
CA LYS A 256 -21.54 -8.40 6.23
C LYS A 256 -22.30 -7.14 5.76
N PRO A 257 -21.72 -5.89 5.78
CA PRO A 257 -22.46 -4.73 5.26
C PRO A 257 -22.80 -4.86 3.76
N PHE A 258 -22.00 -5.63 3.03
CA PHE A 258 -22.23 -5.89 1.61
C PHE A 258 -23.29 -6.92 1.40
N SER A 259 -23.32 -8.00 2.26
CA SER A 259 -24.38 -9.03 2.26
C SER A 259 -25.70 -8.34 2.63
N MET A 260 -25.64 -7.37 3.54
CA MET A 260 -26.79 -6.58 4.00
C MET A 260 -27.31 -5.67 2.89
N SER A 261 -26.40 -5.10 2.07
CA SER A 261 -26.77 -4.24 0.94
C SER A 261 -27.58 -5.01 -0.07
N ALA A 262 -27.22 -6.29 -0.33
CA ALA A 262 -27.96 -7.17 -1.27
C ALA A 262 -29.32 -7.53 -0.64
N ALA A 263 -29.37 -7.67 0.70
CA ALA A 263 -30.59 -7.96 1.44
C ALA A 263 -31.58 -6.84 1.30
N LEU A 264 -31.12 -5.61 1.48
CA LEU A 264 -31.93 -4.38 1.41
C LEU A 264 -32.37 -4.04 0.02
N ALA A 265 -31.59 -4.46 -0.99
CA ALA A 265 -31.87 -4.22 -2.42
C ALA A 265 -32.83 -5.28 -3.05
N SER A 266 -33.10 -6.38 -2.33
CA SER A 266 -33.92 -7.50 -2.78
C SER A 266 -35.42 -7.25 -2.69
N GLY A 267 -35.82 -6.39 -1.76
CA GLY A 267 -37.21 -6.07 -1.53
C GLY A 267 -37.87 -6.91 -0.46
N ARG A 268 -37.14 -7.88 0.09
CA ARG A 268 -37.59 -8.85 1.09
C ARG A 268 -37.15 -8.48 2.50
N TRP A 269 -36.25 -7.48 2.66
CA TRP A 269 -35.68 -7.10 3.96
C TRP A 269 -35.69 -5.62 4.27
N LYS A 270 -35.91 -5.27 5.55
CA LYS A 270 -35.89 -3.89 6.05
C LYS A 270 -35.08 -3.92 7.35
N PRO A 271 -34.47 -2.81 7.83
CA PRO A 271 -33.64 -2.91 9.07
C PRO A 271 -34.34 -3.41 10.33
N SER A 272 -35.65 -3.13 10.50
CA SER A 272 -36.39 -3.60 11.67
C SER A 272 -36.75 -5.09 11.62
N ASP A 273 -36.49 -5.78 10.47
CA ASP A 273 -36.76 -7.22 10.36
C ASP A 273 -36.03 -8.03 11.44
N ILE A 274 -36.66 -9.10 11.90
CA ILE A 274 -36.09 -9.94 12.96
C ILE A 274 -35.66 -11.28 12.40
N VAL A 275 -34.47 -11.76 12.85
CA VAL A 275 -33.95 -13.09 12.53
C VAL A 275 -33.73 -13.81 13.89
N ASP A 276 -34.02 -15.10 13.96
CA ASP A 276 -33.76 -15.89 15.16
C ASP A 276 -32.47 -16.68 14.92
N VAL A 277 -31.44 -16.35 15.70
CA VAL A 277 -30.08 -16.90 15.59
C VAL A 277 -29.77 -17.93 16.68
N TYR A 278 -30.72 -18.20 17.60
CA TYR A 278 -30.58 -19.21 18.67
C TYR A 278 -30.39 -20.60 18.05
N PRO A 279 -29.48 -21.44 18.57
CA PRO A 279 -28.61 -21.28 19.74
C PRO A 279 -27.22 -20.73 19.46
N GLY A 280 -27.08 -19.97 18.38
CA GLY A 280 -25.79 -19.43 17.98
C GLY A 280 -25.01 -20.39 17.10
N THR A 281 -25.69 -21.43 16.59
CA THR A 281 -25.15 -22.46 15.69
C THR A 281 -26.22 -22.83 14.67
N LEU A 282 -25.81 -23.20 13.45
CA LEU A 282 -26.73 -23.62 12.39
C LEU A 282 -26.13 -24.73 11.51
N GLN A 283 -26.77 -25.90 11.55
CA GLN A 283 -26.35 -27.09 10.83
C GLN A 283 -26.86 -27.09 9.39
N ILE A 284 -25.91 -27.15 8.45
CA ILE A 284 -26.11 -27.22 7.00
C ILE A 284 -25.55 -28.60 6.62
N GLY A 285 -26.32 -29.63 6.98
CA GLY A 285 -25.93 -31.02 6.80
C GLY A 285 -24.63 -31.29 7.53
N ARG A 286 -23.56 -31.53 6.77
CA ARG A 286 -22.22 -31.84 7.27
C ARG A 286 -21.57 -30.68 8.01
N TYR A 287 -21.86 -29.44 7.58
CA TYR A 287 -21.26 -28.22 8.10
C TYR A 287 -22.09 -27.51 9.18
N THR A 288 -21.40 -26.93 10.17
CA THR A 288 -22.02 -26.11 11.20
C THR A 288 -21.53 -24.64 11.22
N ILE A 289 -22.48 -23.70 11.02
CA ILE A 289 -22.22 -22.26 11.08
C ILE A 289 -22.19 -21.96 12.59
N ARG A 290 -21.13 -21.32 13.06
CA ARG A 290 -20.98 -21.04 14.47
C ARG A 290 -20.76 -19.56 14.75
N ASP A 291 -21.54 -19.01 15.69
CA ASP A 291 -21.38 -17.61 16.09
C ASP A 291 -20.30 -17.52 17.14
N VAL A 292 -19.60 -16.40 17.17
CA VAL A 292 -18.51 -16.21 18.12
C VAL A 292 -19.04 -16.05 19.57
N SER A 293 -20.14 -15.29 19.71
CA SER A 293 -20.87 -15.06 20.96
C SER A 293 -22.20 -15.78 20.76
N ARG A 294 -22.56 -16.72 21.63
CA ARG A 294 -23.81 -17.46 21.39
C ARG A 294 -24.85 -17.26 22.50
N ASN A 295 -25.20 -15.99 22.74
CA ASN A 295 -26.17 -15.59 23.79
C ASN A 295 -27.36 -14.77 23.24
N SER A 296 -27.74 -15.03 21.98
CA SER A 296 -28.82 -14.32 21.31
C SER A 296 -29.87 -15.25 20.76
N ARG A 297 -31.09 -14.72 20.63
CA ARG A 297 -32.21 -15.40 20.00
C ARG A 297 -32.63 -14.47 18.84
N GLN A 298 -33.59 -13.56 19.08
CA GLN A 298 -34.06 -12.60 18.06
C GLN A 298 -33.18 -11.37 17.97
N LEU A 299 -32.76 -11.04 16.74
CA LEU A 299 -31.94 -9.86 16.46
C LEU A 299 -32.50 -9.16 15.26
N ASP A 300 -32.55 -7.81 15.30
CA ASP A 300 -32.92 -7.08 14.07
C ASP A 300 -31.66 -7.01 13.17
N LEU A 301 -31.75 -6.42 11.98
CA LEU A 301 -30.62 -6.43 11.06
C LEU A 301 -29.38 -5.73 11.58
N THR A 302 -29.55 -4.64 12.35
CA THR A 302 -28.45 -3.89 12.99
C THR A 302 -27.80 -4.77 14.08
N GLY A 303 -28.65 -5.51 14.81
CA GLY A 303 -28.22 -6.45 15.85
C GLY A 303 -27.31 -7.53 15.29
N ILE A 304 -27.62 -8.06 14.09
CA ILE A 304 -26.79 -9.07 13.40
C ILE A 304 -25.37 -8.54 13.23
N LEU A 305 -25.24 -7.27 12.79
CA LEU A 305 -23.94 -6.59 12.62
C LEU A 305 -23.26 -6.30 13.96
N ILE A 306 -24.01 -5.77 14.98
CA ILE A 306 -23.46 -5.48 16.32
C ILE A 306 -22.86 -6.73 16.97
N LYS A 307 -23.61 -7.86 16.92
CA LYS A 307 -23.21 -9.14 17.52
C LYS A 307 -22.40 -10.00 16.57
N SER A 308 -22.17 -9.51 15.32
CA SER A 308 -21.44 -10.21 14.25
C SER A 308 -21.99 -11.65 14.07
N SER A 309 -23.31 -11.77 13.97
CA SER A 309 -23.95 -13.09 13.86
C SER A 309 -23.82 -13.69 12.49
N ASN A 310 -22.97 -14.75 12.38
CA ASN A 310 -22.73 -15.51 11.15
C ASN A 310 -24.00 -16.26 10.79
N VAL A 311 -24.71 -16.79 11.81
CA VAL A 311 -25.97 -17.50 11.69
C VAL A 311 -27.04 -16.58 11.11
N GLY A 312 -27.10 -15.35 11.62
CA GLY A 312 -28.04 -14.32 11.20
C GLY A 312 -27.91 -13.95 9.75
N ILE A 313 -26.69 -13.60 9.34
CA ILE A 313 -26.44 -13.25 7.94
C ILE A 313 -26.61 -14.45 6.98
N SER A 314 -26.30 -15.70 7.45
CA SER A 314 -26.45 -16.92 6.64
C SER A 314 -27.91 -17.20 6.34
N LYS A 315 -28.79 -16.93 7.33
CA LYS A 315 -30.22 -17.11 7.19
C LYS A 315 -30.76 -16.11 6.17
N ILE A 316 -30.31 -14.83 6.23
CA ILE A 316 -30.71 -13.79 5.25
C ILE A 316 -30.22 -14.20 3.85
N ALA A 317 -28.95 -14.70 3.76
CA ALA A 317 -28.30 -15.19 2.54
C ALA A 317 -29.08 -16.32 1.87
N PHE A 318 -29.64 -17.26 2.66
CA PHE A 318 -30.45 -18.37 2.15
C PHE A 318 -31.73 -17.83 1.50
N ASP A 319 -32.32 -16.80 2.12
CA ASP A 319 -33.53 -16.16 1.65
C ASP A 319 -33.32 -15.40 0.33
N ILE A 320 -32.28 -14.57 0.25
CA ILE A 320 -32.02 -13.73 -0.94
C ILE A 320 -31.25 -14.39 -2.09
N GLY A 321 -30.46 -15.40 -1.76
CA GLY A 321 -29.61 -16.11 -2.72
C GLY A 321 -28.18 -15.59 -2.71
N ALA A 322 -27.19 -16.46 -2.95
CA ALA A 322 -25.79 -16.04 -2.95
C ALA A 322 -25.41 -15.18 -4.16
N GLU A 323 -26.21 -15.25 -5.24
CA GLU A 323 -26.01 -14.49 -6.48
C GLU A 323 -26.09 -12.98 -6.26
N SER A 324 -27.08 -12.54 -5.51
CA SER A 324 -27.19 -11.12 -5.18
C SER A 324 -26.00 -10.65 -4.29
N ILE A 325 -25.45 -11.55 -3.43
CA ILE A 325 -24.33 -11.23 -2.50
C ILE A 325 -23.03 -11.19 -3.26
N TYR A 326 -22.80 -12.20 -4.10
CA TYR A 326 -21.64 -12.29 -4.97
C TYR A 326 -21.51 -11.01 -5.81
N SER A 327 -22.63 -10.59 -6.48
CA SER A 327 -22.70 -9.42 -7.36
CA SER A 327 -22.68 -9.42 -7.36
C SER A 327 -22.18 -8.14 -6.71
N VAL A 328 -22.73 -7.78 -5.51
CA VAL A 328 -22.38 -6.59 -4.72
C VAL A 328 -20.88 -6.56 -4.44
N MET A 329 -20.37 -7.67 -3.88
CA MET A 329 -18.98 -7.86 -3.48
C MET A 329 -18.03 -7.69 -4.64
N GLN A 330 -18.39 -8.30 -5.76
CA GLN A 330 -17.68 -8.22 -7.03
C GLN A 330 -17.73 -6.77 -7.56
N GLN A 331 -18.90 -6.09 -7.50
CA GLN A 331 -19.05 -4.70 -8.00
C GLN A 331 -18.27 -3.68 -7.17
N VAL A 332 -18.10 -3.95 -5.86
CA VAL A 332 -17.34 -3.09 -4.92
C VAL A 332 -15.82 -3.35 -4.96
N GLY A 333 -15.41 -4.38 -5.71
CA GLY A 333 -14.02 -4.70 -5.98
C GLY A 333 -13.34 -5.81 -5.21
N LEU A 334 -14.07 -6.50 -4.32
CA LEU A 334 -13.50 -7.56 -3.50
C LEU A 334 -13.10 -8.73 -4.41
N GLY A 335 -11.85 -9.16 -4.30
CA GLY A 335 -11.28 -10.21 -5.12
C GLY A 335 -11.10 -9.82 -6.59
N GLN A 336 -11.27 -8.52 -6.92
CA GLN A 336 -11.16 -7.97 -8.29
C GLN A 336 -9.90 -7.13 -8.48
N ASP A 337 -9.45 -7.02 -9.74
CA ASP A 337 -8.29 -6.22 -10.12
C ASP A 337 -8.55 -4.72 -9.84
N THR A 338 -7.65 -4.13 -9.03
CA THR A 338 -7.69 -2.71 -8.60
C THR A 338 -7.20 -1.72 -9.67
N GLY A 339 -6.62 -2.26 -10.77
CA GLY A 339 -6.05 -1.50 -11.87
C GLY A 339 -4.87 -0.63 -11.47
N LEU A 340 -4.29 -0.85 -10.26
CA LEU A 340 -3.18 -0.03 -9.77
C LEU A 340 -1.82 -0.41 -10.33
N GLY A 341 -1.70 -1.65 -10.80
CA GLY A 341 -0.49 -2.19 -11.40
C GLY A 341 0.75 -2.09 -10.55
N PHE A 342 0.61 -2.30 -9.25
CA PHE A 342 1.74 -2.22 -8.32
C PHE A 342 2.50 -3.55 -8.33
N PRO A 343 3.84 -3.55 -8.14
CA PRO A 343 4.56 -4.84 -8.14
C PRO A 343 4.11 -5.80 -7.03
N GLY A 344 3.80 -7.02 -7.43
CA GLY A 344 3.38 -8.07 -6.53
C GLY A 344 1.96 -7.94 -5.99
N GLU A 345 1.16 -7.03 -6.57
CA GLU A 345 -0.24 -6.80 -6.19
C GLU A 345 -1.09 -8.05 -6.37
N ARG A 346 -1.59 -8.61 -5.26
CA ARG A 346 -2.44 -9.80 -5.25
C ARG A 346 -3.90 -9.39 -5.42
N VAL A 347 -4.61 -10.10 -6.31
CA VAL A 347 -6.03 -9.88 -6.66
C VAL A 347 -6.98 -10.53 -5.61
N GLY A 348 -6.52 -11.59 -4.95
CA GLY A 348 -7.28 -12.35 -3.97
C GLY A 348 -8.25 -13.30 -4.66
N ASN A 349 -9.38 -13.58 -4.00
CA ASN A 349 -10.35 -14.51 -4.57
C ASN A 349 -11.77 -14.31 -4.10
N LEU A 350 -12.68 -14.15 -5.05
CA LEU A 350 -14.11 -14.08 -4.80
C LEU A 350 -14.64 -15.27 -5.56
N PRO A 351 -14.92 -16.40 -4.86
CA PRO A 351 -15.39 -17.61 -5.57
C PRO A 351 -16.76 -17.38 -6.17
N ASN A 352 -16.98 -17.95 -7.34
CA ASN A 352 -18.26 -17.91 -8.05
C ASN A 352 -18.71 -19.34 -8.26
N HIS A 353 -20.03 -19.50 -8.45
CA HIS A 353 -20.66 -20.78 -8.69
C HIS A 353 -21.74 -20.66 -9.73
N ARG A 354 -22.02 -21.78 -10.41
CA ARG A 354 -23.13 -21.91 -11.32
C ARG A 354 -24.30 -22.06 -10.30
N LYS A 355 -24.31 -23.21 -9.58
CA LYS A 355 -25.25 -23.53 -8.51
C LYS A 355 -24.49 -23.33 -7.18
N TRP A 356 -24.96 -22.36 -6.38
CA TRP A 356 -24.38 -22.06 -5.07
C TRP A 356 -24.91 -23.03 -4.04
N PRO A 357 -24.06 -23.89 -3.42
CA PRO A 357 -24.56 -24.79 -2.38
C PRO A 357 -24.82 -23.99 -1.09
N LYS A 358 -25.73 -24.49 -0.23
CA LYS A 358 -26.13 -23.86 1.02
C LYS A 358 -24.93 -23.42 1.88
N ALA A 359 -23.91 -24.30 2.04
CA ALA A 359 -22.70 -24.04 2.80
C ALA A 359 -21.87 -22.87 2.24
N GLU A 360 -21.71 -22.80 0.90
CA GLU A 360 -20.95 -21.72 0.23
C GLU A 360 -21.67 -20.40 0.34
N THR A 361 -23.02 -20.42 0.31
CA THR A 361 -23.90 -19.24 0.45
C THR A 361 -23.64 -18.53 1.80
N ALA A 362 -23.64 -19.31 2.89
CA ALA A 362 -23.41 -18.90 4.27
C ALA A 362 -22.03 -18.31 4.45
N THR A 363 -20.97 -19.08 4.11
CA THR A 363 -19.54 -18.69 4.24
C THR A 363 -19.23 -17.43 3.46
N LEU A 364 -19.87 -17.27 2.28
CA LEU A 364 -19.74 -16.06 1.47
C LEU A 364 -20.36 -14.90 2.23
N ALA A 365 -21.59 -15.09 2.79
CA ALA A 365 -22.28 -14.00 3.47
C ALA A 365 -21.50 -13.44 4.64
N TYR A 366 -20.81 -14.31 5.41
CA TYR A 366 -20.01 -13.92 6.57
C TYR A 366 -18.49 -13.81 6.37
N GLY A 367 -18.03 -13.77 5.11
CA GLY A 367 -16.63 -13.54 4.77
C GLY A 367 -15.62 -14.66 4.93
N TYR A 368 -16.09 -15.91 4.90
CA TYR A 368 -15.21 -17.07 4.95
C TYR A 368 -15.08 -17.62 3.50
N GLY A 369 -13.92 -18.14 3.16
CA GLY A 369 -13.69 -18.65 1.81
C GLY A 369 -13.14 -17.61 0.85
N LEU A 370 -13.75 -16.40 0.82
CA LEU A 370 -13.24 -15.34 -0.05
C LEU A 370 -12.03 -14.71 0.61
N SER A 371 -11.07 -14.27 -0.21
CA SER A 371 -9.86 -13.62 0.25
C SER A 371 -9.69 -12.32 -0.49
N VAL A 372 -9.31 -11.29 0.25
CA VAL A 372 -9.19 -9.92 -0.27
C VAL A 372 -7.90 -9.27 0.24
N THR A 373 -7.58 -8.05 -0.27
CA THR A 373 -6.47 -7.24 0.25
C THR A 373 -7.07 -6.08 1.06
N ALA A 374 -6.29 -5.48 1.95
CA ALA A 374 -6.66 -4.32 2.77
C ALA A 374 -7.15 -3.18 1.86
N ILE A 375 -6.47 -2.99 0.71
CA ILE A 375 -6.76 -2.02 -0.36
C ILE A 375 -8.13 -2.31 -0.99
N GLN A 376 -8.47 -3.60 -1.25
CA GLN A 376 -9.78 -3.96 -1.80
C GLN A 376 -10.87 -3.65 -0.81
N LEU A 377 -10.65 -3.99 0.48
CA LEU A 377 -11.61 -3.76 1.53
C LEU A 377 -11.90 -2.29 1.72
N ALA A 378 -10.86 -1.43 1.59
CA ALA A 378 -10.98 0.02 1.76
C ALA A 378 -11.76 0.64 0.61
N HIS A 379 -11.47 0.19 -0.59
CA HIS A 379 -12.13 0.64 -1.81
C HIS A 379 -13.60 0.30 -1.76
N ALA A 380 -13.94 -0.91 -1.24
CA ALA A 380 -15.30 -1.42 -1.12
C ALA A 380 -16.04 -0.55 -0.14
N TYR A 381 -15.43 -0.23 1.00
CA TYR A 381 -16.01 0.65 2.02
C TYR A 381 -16.17 2.08 1.52
N ALA A 382 -15.30 2.51 0.62
CA ALA A 382 -15.33 3.84 0.01
C ALA A 382 -16.55 3.94 -0.86
N ALA A 383 -16.91 2.86 -1.61
CA ALA A 383 -18.10 2.83 -2.48
C ALA A 383 -19.34 2.98 -1.65
N LEU A 384 -19.46 2.21 -0.55
CA LEU A 384 -20.54 2.30 0.42
C LEU A 384 -20.63 3.68 1.06
N ALA A 385 -19.49 4.26 1.47
CA ALA A 385 -19.42 5.63 2.05
C ALA A 385 -19.77 6.71 1.05
N ASN A 386 -19.46 6.48 -0.24
CA ASN A 386 -19.73 7.44 -1.29
C ASN A 386 -21.14 7.21 -1.90
N ASP A 387 -22.14 7.06 -1.03
CA ASP A 387 -23.52 6.83 -1.42
C ASP A 387 -23.73 5.75 -2.50
N GLY A 388 -22.99 4.64 -2.36
CA GLY A 388 -23.03 3.47 -3.21
C GLY A 388 -22.30 3.63 -4.53
N LYS A 389 -21.60 4.76 -4.71
CA LYS A 389 -20.86 5.01 -5.97
C LYS A 389 -19.36 4.71 -5.83
N SER A 390 -18.85 3.77 -6.67
CA SER A 390 -17.43 3.36 -6.67
CA SER A 390 -17.43 3.38 -6.65
C SER A 390 -16.61 4.20 -7.63
N VAL A 391 -15.53 4.80 -7.12
CA VAL A 391 -14.60 5.62 -7.91
C VAL A 391 -13.34 4.80 -8.12
N PRO A 392 -12.75 4.75 -9.36
CA PRO A 392 -11.53 3.94 -9.56
C PRO A 392 -10.41 4.37 -8.61
N LEU A 393 -9.67 3.38 -8.08
CA LEU A 393 -8.58 3.59 -7.14
C LEU A 393 -7.45 4.41 -7.75
N SER A 394 -6.84 5.30 -6.96
CA SER A 394 -5.69 6.06 -7.41
C SER A 394 -4.59 6.21 -6.36
N MET A 395 -3.33 6.05 -6.78
CA MET A 395 -2.11 6.26 -5.99
C MET A 395 -1.48 7.61 -6.40
N THR A 396 -2.03 8.23 -7.45
CA THR A 396 -1.57 9.55 -7.92
C THR A 396 -2.63 10.63 -7.64
N ARG A 397 -2.21 11.88 -7.41
CA ARG A 397 -3.13 12.99 -7.14
C ARG A 397 -4.22 13.09 -8.21
N VAL A 398 -5.51 13.12 -7.77
CA VAL A 398 -6.66 13.22 -8.67
C VAL A 398 -7.15 14.66 -8.75
N ASP A 399 -6.99 15.26 -9.93
CA ASP A 399 -7.40 16.64 -10.22
C ASP A 399 -8.81 16.68 -10.81
N ARG A 400 -9.09 15.82 -11.82
CA ARG A 400 -10.42 15.67 -12.40
C ARG A 400 -10.92 14.29 -11.97
N VAL A 401 -11.99 14.25 -11.19
CA VAL A 401 -12.55 13.02 -10.64
C VAL A 401 -13.24 12.19 -11.74
N PRO A 402 -12.93 10.86 -11.86
CA PRO A 402 -13.61 10.05 -12.88
C PRO A 402 -15.07 9.86 -12.50
N ASP A 403 -15.91 9.70 -13.53
CA ASP A 403 -17.35 9.53 -13.42
C ASP A 403 -17.80 8.60 -12.28
N GLY A 404 -17.16 7.44 -12.13
CA GLY A 404 -17.56 6.49 -11.09
C GLY A 404 -18.79 5.67 -11.44
N VAL A 405 -19.00 4.51 -10.76
CA VAL A 405 -20.16 3.63 -11.06
C VAL A 405 -21.06 3.47 -9.87
N GLN A 406 -22.38 3.74 -10.02
CA GLN A 406 -23.39 3.50 -8.99
C GLN A 406 -23.53 1.98 -8.84
N VAL A 407 -22.86 1.38 -7.83
CA VAL A 407 -22.81 -0.08 -7.60
C VAL A 407 -23.90 -0.55 -6.64
N ILE A 408 -24.28 0.32 -5.71
CA ILE A 408 -25.34 0.11 -4.72
C ILE A 408 -26.21 1.34 -4.87
N SER A 409 -27.54 1.19 -4.77
CA SER A 409 -28.44 2.33 -4.85
C SER A 409 -28.20 3.36 -3.71
N PRO A 410 -28.26 4.68 -4.02
CA PRO A 410 -28.05 5.71 -2.98
C PRO A 410 -28.84 5.47 -1.70
N GLU A 411 -30.13 5.00 -1.81
CA GLU A 411 -30.98 4.71 -0.66
C GLU A 411 -30.50 3.51 0.20
N VAL A 412 -30.13 2.41 -0.43
CA VAL A 412 -29.63 1.25 0.28
C VAL A 412 -28.29 1.60 0.98
N ALA A 413 -27.42 2.35 0.28
CA ALA A 413 -26.13 2.77 0.82
C ALA A 413 -26.30 3.65 2.06
N SER A 414 -27.26 4.59 2.03
CA SER A 414 -27.62 5.51 3.11
C SER A 414 -28.17 4.75 4.32
N THR A 415 -28.96 3.69 4.08
CA THR A 415 -29.50 2.84 5.14
C THR A 415 -28.36 2.03 5.77
N VAL A 416 -27.50 1.42 4.92
CA VAL A 416 -26.36 0.64 5.43
C VAL A 416 -25.43 1.52 6.29
N GLN A 417 -25.26 2.78 5.88
CA GLN A 417 -24.48 3.80 6.59
C GLN A 417 -24.99 4.04 8.00
N GLY A 418 -26.33 4.20 8.11
CA GLY A 418 -27.05 4.45 9.35
C GLY A 418 -26.90 3.28 10.28
N MET A 419 -26.96 2.05 9.72
CA MET A 419 -26.79 0.82 10.48
C MET A 419 -25.36 0.73 11.01
N LEU A 420 -24.38 1.10 10.15
CA LEU A 420 -22.97 1.06 10.53
C LEU A 420 -22.65 2.11 11.54
N GLN A 421 -23.40 3.23 11.53
CA GLN A 421 -23.22 4.28 12.54
C GLN A 421 -23.68 3.73 13.91
N GLN A 422 -24.80 2.99 13.89
CA GLN A 422 -25.38 2.29 15.01
C GLN A 422 -24.48 1.18 15.51
N VAL A 423 -23.74 0.47 14.60
CA VAL A 423 -22.74 -0.54 15.01
C VAL A 423 -21.66 0.10 15.92
N VAL A 424 -21.26 1.35 15.62
CA VAL A 424 -20.27 2.09 16.41
C VAL A 424 -20.86 2.75 17.69
N GLU A 425 -22.07 3.33 17.59
CA GLU A 425 -22.74 4.12 18.62
C GLU A 425 -23.62 3.35 19.61
N ALA A 426 -24.55 2.52 19.11
CA ALA A 426 -25.53 1.76 19.88
C ALA A 426 -24.94 0.91 21.02
N GLN A 427 -25.80 0.58 22.03
CA GLN A 427 -25.50 -0.25 23.21
C GLN A 427 -24.99 -1.64 22.73
N GLY A 428 -23.79 -2.01 23.19
CA GLY A 428 -23.14 -3.27 22.80
C GLY A 428 -22.29 -3.19 21.54
N GLY A 429 -22.25 -2.01 20.92
CA GLY A 429 -21.49 -1.76 19.70
C GLY A 429 -19.99 -1.60 19.88
N VAL A 430 -19.31 -1.15 18.80
CA VAL A 430 -17.85 -0.93 18.78
C VAL A 430 -17.58 0.50 19.25
N PHE A 431 -17.82 0.77 20.55
CA PHE A 431 -17.64 2.10 21.15
C PHE A 431 -16.20 2.68 21.03
N ARG A 432 -15.19 1.80 20.89
CA ARG A 432 -13.78 2.17 20.76
C ARG A 432 -13.45 2.83 19.40
N ALA A 433 -14.36 2.72 18.42
CA ALA A 433 -14.25 3.27 17.08
C ALA A 433 -14.76 4.70 17.05
N GLN A 434 -15.54 5.08 18.06
CA GLN A 434 -16.12 6.41 18.21
C GLN A 434 -15.10 7.54 18.02
N VAL A 435 -15.44 8.51 17.18
CA VAL A 435 -14.57 9.63 16.83
C VAL A 435 -15.05 10.91 17.50
N PRO A 436 -14.14 11.58 18.25
CA PRO A 436 -14.55 12.82 18.94
C PRO A 436 -15.13 13.95 18.08
N GLY A 437 -16.39 14.28 18.32
CA GLY A 437 -17.12 15.35 17.64
C GLY A 437 -17.77 14.99 16.31
N TYR A 438 -17.69 13.71 15.92
CA TYR A 438 -18.22 13.20 14.66
C TYR A 438 -18.98 11.95 14.87
N HIS A 439 -19.90 11.68 13.95
CA HIS A 439 -20.58 10.39 13.90
C HIS A 439 -19.65 9.55 12.97
N ALA A 440 -19.27 8.37 13.44
CA ALA A 440 -18.43 7.43 12.70
C ALA A 440 -19.22 6.15 12.47
N ALA A 441 -18.95 5.46 11.36
CA ALA A 441 -19.61 4.23 11.02
C ALA A 441 -18.55 3.18 10.69
N GLY A 442 -18.84 1.94 10.97
CA GLY A 442 -17.88 0.89 10.66
C GLY A 442 -18.29 -0.47 11.13
N LYS A 443 -17.44 -1.45 10.81
CA LYS A 443 -17.63 -2.86 11.13
C LYS A 443 -16.30 -3.48 11.51
N SER A 444 -16.27 -4.24 12.61
CA SER A 444 -15.07 -4.96 13.02
C SER A 444 -15.09 -6.37 12.44
N GLY A 445 -13.95 -7.03 12.50
CA GLY A 445 -13.79 -8.40 12.05
C GLY A 445 -12.67 -9.08 12.81
N THR A 446 -12.82 -10.38 13.03
CA THR A 446 -11.80 -11.22 13.68
C THR A 446 -11.71 -12.49 12.86
N ALA A 447 -10.68 -12.60 12.02
CA ALA A 447 -10.41 -13.79 11.21
C ALA A 447 -9.38 -14.76 11.89
N ARG A 448 -9.84 -15.97 12.28
CA ARG A 448 -9.03 -17.05 12.85
C ARG A 448 -8.20 -17.64 11.68
N LYS A 449 -6.86 -17.73 11.83
CA LYS A 449 -5.94 -18.22 10.78
C LYS A 449 -5.78 -19.74 10.76
N ASN A 460 -3.29 -21.37 17.32
CA ASN A 460 -4.54 -20.73 16.88
C ASN A 460 -4.44 -19.20 16.88
N ALA A 461 -4.04 -18.63 15.72
CA ALA A 461 -3.77 -17.21 15.52
C ALA A 461 -4.92 -16.44 14.88
N TYR A 462 -4.97 -15.13 15.11
CA TYR A 462 -6.02 -14.26 14.60
C TYR A 462 -5.52 -13.00 13.87
N ARG A 463 -6.37 -12.47 12.98
CA ARG A 463 -6.19 -11.20 12.28
C ARG A 463 -7.33 -10.30 12.75
N SER A 464 -6.97 -9.15 13.34
CA SER A 464 -7.92 -8.17 13.88
C SER A 464 -8.25 -7.09 12.83
N LEU A 465 -9.54 -6.91 12.52
CA LEU A 465 -9.96 -5.98 11.48
C LEU A 465 -10.95 -4.93 11.91
N PHE A 466 -10.81 -3.74 11.37
CA PHE A 466 -11.78 -2.69 11.52
C PHE A 466 -11.81 -1.91 10.20
N ALA A 467 -13.00 -1.82 9.63
CA ALA A 467 -13.26 -1.09 8.41
C ALA A 467 -14.35 -0.09 8.68
N GLY A 468 -14.15 1.12 8.22
CA GLY A 468 -15.18 2.11 8.40
C GLY A 468 -15.01 3.40 7.67
N PHE A 469 -15.84 4.38 8.00
CA PHE A 469 -15.83 5.69 7.34
C PHE A 469 -16.40 6.78 8.23
N ALA A 470 -16.10 8.03 7.89
CA ALA A 470 -16.65 9.16 8.64
C ALA A 470 -16.56 10.45 7.83
N PRO A 471 -17.36 11.51 8.15
CA PRO A 471 -18.49 11.56 9.11
C PRO A 471 -19.65 10.68 8.59
N ALA A 472 -20.31 9.93 9.46
CA ALA A 472 -21.41 9.05 9.07
C ALA A 472 -22.52 9.80 8.29
N THR A 473 -22.72 11.11 8.58
CA THR A 473 -23.66 12.02 7.92
C THR A 473 -23.32 12.21 6.41
N ASP A 474 -22.21 12.93 6.07
CA ASP A 474 -21.71 13.11 4.70
C ASP A 474 -20.29 12.51 4.67
N PRO A 475 -20.13 11.19 4.42
CA PRO A 475 -18.77 10.61 4.45
C PRO A 475 -17.76 11.19 3.49
N ARG A 476 -16.52 11.35 4.00
CA ARG A 476 -15.38 11.90 3.30
C ARG A 476 -14.23 10.90 3.19
N ILE A 477 -14.03 10.12 4.26
CA ILE A 477 -12.91 9.19 4.33
C ILE A 477 -13.28 7.82 4.79
N ALA A 478 -12.74 6.80 4.10
CA ALA A 478 -12.91 5.41 4.49
C ALA A 478 -11.54 4.92 5.05
N MET A 479 -11.59 3.97 5.97
CA MET A 479 -10.38 3.46 6.59
C MET A 479 -10.46 2.01 6.89
N VAL A 480 -9.35 1.30 6.63
CA VAL A 480 -9.21 -0.10 6.97
C VAL A 480 -7.98 -0.26 7.88
N VAL A 481 -8.16 -0.90 9.05
CA VAL A 481 -7.08 -1.20 9.99
C VAL A 481 -6.98 -2.72 10.10
N VAL A 482 -5.83 -3.26 9.76
CA VAL A 482 -5.60 -4.69 9.85
C VAL A 482 -4.46 -4.91 10.84
N ILE A 483 -4.73 -5.61 11.95
CA ILE A 483 -3.68 -5.94 12.92
C ILE A 483 -3.45 -7.46 12.92
N ASP A 484 -2.27 -7.86 12.44
CA ASP A 484 -1.87 -9.25 12.27
C ASP A 484 -1.26 -9.84 13.54
N GLU A 485 -1.93 -10.86 14.08
CA GLU A 485 -1.53 -11.63 15.28
C GLU A 485 -1.33 -10.82 16.58
N PRO A 486 -2.39 -10.25 17.21
CA PRO A 486 -2.17 -9.56 18.50
C PRO A 486 -1.98 -10.60 19.62
N SER A 487 -0.77 -10.65 20.20
CA SER A 487 -0.37 -11.59 21.25
C SER A 487 -0.79 -11.25 22.70
N LYS A 488 -1.66 -10.24 22.86
CA LYS A 488 -2.21 -9.89 24.16
C LYS A 488 -3.52 -10.67 24.30
N ALA A 489 -4.04 -10.83 25.56
CA ALA A 489 -5.27 -11.55 25.90
C ALA A 489 -6.48 -11.22 24.99
N GLY A 490 -6.58 -9.96 24.57
CA GLY A 490 -7.64 -9.49 23.67
C GLY A 490 -7.18 -9.44 22.23
N TYR A 491 -7.98 -10.05 21.33
CA TYR A 491 -7.67 -10.13 19.89
C TYR A 491 -8.80 -9.67 18.93
N PHE A 492 -10.06 -9.54 19.42
CA PHE A 492 -11.18 -9.11 18.56
C PHE A 492 -10.90 -7.78 17.87
N GLY A 493 -11.29 -7.68 16.59
CA GLY A 493 -11.13 -6.49 15.77
C GLY A 493 -11.53 -5.18 16.44
N GLY A 494 -12.62 -5.23 17.20
CA GLY A 494 -13.18 -4.12 17.95
C GLY A 494 -12.41 -3.72 19.19
N LEU A 495 -11.57 -4.62 19.68
CA LEU A 495 -10.75 -4.31 20.84
C LEU A 495 -9.42 -3.79 20.36
N VAL A 496 -8.90 -4.39 19.29
CA VAL A 496 -7.56 -4.15 18.76
C VAL A 496 -7.47 -3.06 17.65
N SER A 497 -8.18 -3.26 16.54
CA SER A 497 -8.14 -2.34 15.42
C SER A 497 -9.05 -1.10 15.55
N ALA A 498 -10.13 -1.19 16.32
CA ALA A 498 -11.04 -0.05 16.48
C ALA A 498 -10.43 1.20 17.13
N PRO A 499 -9.62 1.13 18.23
CA PRO A 499 -9.03 2.35 18.80
C PRO A 499 -8.04 3.03 17.86
N VAL A 500 -7.44 2.29 16.90
CA VAL A 500 -6.51 2.81 15.88
C VAL A 500 -7.33 3.68 14.88
N PHE A 501 -8.50 3.17 14.43
CA PHE A 501 -9.43 3.82 13.52
C PHE A 501 -9.84 5.16 14.14
N SER A 502 -10.26 5.15 15.43
CA SER A 502 -10.72 6.35 16.12
C SER A 502 -9.71 7.46 16.09
N LYS A 503 -8.45 7.13 16.47
CA LYS A 503 -7.32 8.04 16.55
C LYS A 503 -6.92 8.58 15.18
N VAL A 504 -6.65 7.69 14.22
CA VAL A 504 -6.26 8.06 12.85
C VAL A 504 -7.40 8.82 12.12
N MET A 505 -8.66 8.38 12.27
CA MET A 505 -9.83 9.03 11.68
C MET A 505 -10.00 10.44 12.23
N ALA A 506 -9.82 10.60 13.55
CA ALA A 506 -9.89 11.91 14.21
C ALA A 506 -8.86 12.88 13.62
N GLY A 507 -7.60 12.45 13.53
CA GLY A 507 -6.50 13.22 12.97
C GLY A 507 -6.69 13.61 11.52
N ALA A 508 -7.10 12.66 10.70
CA ALA A 508 -7.40 12.83 9.27
C ALA A 508 -8.57 13.80 9.02
N LEU A 509 -9.66 13.71 9.80
CA LEU A 509 -10.81 14.64 9.66
C LEU A 509 -10.43 16.08 9.99
N ARG A 510 -9.52 16.24 10.97
CA ARG A 510 -8.99 17.49 11.47
C ARG A 510 -8.06 18.10 10.41
N LEU A 511 -7.10 17.29 9.88
CA LEU A 511 -6.13 17.71 8.86
C LEU A 511 -6.80 18.18 7.57
N MET A 512 -7.91 17.53 7.19
CA MET A 512 -8.66 17.86 5.98
C MET A 512 -9.75 18.92 6.25
N ASN A 513 -9.81 19.44 7.52
CA ASN A 513 -10.76 20.44 8.01
C ASN A 513 -12.22 20.08 7.71
N VAL A 514 -12.59 18.82 7.99
CA VAL A 514 -13.94 18.34 7.75
C VAL A 514 -14.85 18.83 8.90
N PRO A 515 -15.98 19.53 8.58
CA PRO A 515 -16.86 20.01 9.66
C PRO A 515 -17.46 18.90 10.51
N PRO A 516 -17.39 19.05 11.86
CA PRO A 516 -18.02 18.05 12.75
C PRO A 516 -19.51 17.92 12.50
N ASP A 517 -20.04 16.69 12.61
CA ASP A 517 -21.47 16.39 12.40
C ASP A 517 -22.15 15.93 13.69
N ASN A 518 -21.42 15.92 14.84
CA ASN A 518 -21.97 15.51 16.14
C ASN A 518 -21.93 16.65 17.17
N LEU A 519 -22.85 17.61 16.99
CA LEU A 519 -23.00 18.81 17.82
C LEU A 519 -24.49 18.92 18.31
N PRO A 520 -24.89 19.84 19.25
CA PRO A 520 -26.30 19.85 19.69
C PRO A 520 -27.27 20.38 18.63
C3 2U2 B . -14.43 -15.65 9.76
C2 2U2 B . -13.66 -15.93 10.83
C5 2U2 B . -12.09 -16.38 9.27
C12 2U2 B . -14.64 -19.33 12.50
C15 2U2 B . -17.19 -20.01 13.28
C14 2U2 B . -16.82 -20.31 12.00
C11 2U2 B . -15.07 -19.01 13.77
C13 2U2 B . -15.50 -19.98 11.57
C23 2U2 B . -16.50 -11.72 12.04
C6 2U2 B . -14.21 -15.95 12.21
C29 2U2 B . -15.84 -10.40 15.85
C20 2U2 B . -15.52 -15.28 12.48
C34 2U2 B . -15.61 -8.99 15.54
C32 2U2 B . -17.66 -10.65 18.70
C10 2U2 B . -14.15 -18.26 14.73
C30 2U2 B . -15.63 -10.97 17.24
C31 2U2 B . -16.32 -10.09 18.30
C26 2U2 B . -17.40 -13.06 14.00
C22 2U2 B . -16.75 -13.09 12.61
N1 2U2 B . -12.43 -16.37 10.52
N7 2U2 B . -13.55 -16.62 13.12
N24 2U2 B . -16.23 -11.13 14.85
N16 2U2 B . -16.33 -19.40 14.16
N9 2U2 B . -10.88 -16.74 8.75
N21 2U2 B . -15.55 -13.93 12.46
O36 2U2 B . -14.54 -8.45 15.84
O33 2U2 B . -17.79 -11.21 19.78
O17 2U2 B . -15.10 -20.23 10.44
O27 2U2 B . -15.38 -11.36 11.78
O28 2U2 B . -16.52 -15.95 12.68
O35 2U2 B . -16.50 -8.38 14.99
O37 2U2 B . -18.61 -10.57 17.93
O19 2U2 B . -17.72 -20.92 11.16
O18 2U2 B . -16.78 -19.23 15.51
O8 2U2 B . -14.01 -16.85 14.44
O25 2U2 B . -16.48 -12.51 14.94
S4 2U2 B . -13.47 -15.86 8.30
#